data_3K5S
#
_entry.id   3K5S
#
_cell.length_a   55.804
_cell.length_b   79.188
_cell.length_c   105.162
_cell.angle_alpha   90.00
_cell.angle_beta   90.00
_cell.angle_gamma   90.00
#
_symmetry.space_group_name_H-M   'P 21 21 21'
#
loop_
_entity.id
_entity.type
_entity.pdbx_description
1 polymer Cadherin-13
2 non-polymer 'CALCIUM ION'
3 water water
#
_entity_poly.entity_id   1
_entity_poly.type   'polypeptide(L)'
_entity_poly.pdbx_seq_one_letter_code
;SILATPILIPENQRPPFPRSVGKVIRSEGTEGAKFRLSGKGVDQDPKGIFRINEISGDVSVTRPLDREAIANYQLEVEVT
DLSGKIIDGPVRLDISVIDQNDNRPMFKEGPYVGHVMEGSPTGTTVMRMTAFDADDPSTDNALLRYNILKQTPTKPSPNM
FYIDPEKGDIVTVVSPVLLDRETMETPKYELVIEAKDMGGHDVGLTGTATATILIDD
;
_entity_poly.pdbx_strand_id   A,B
#
# COMPACT_ATOMS: atom_id res chain seq x y z
N SER A 1 34.11 -11.81 8.14
CA SER A 1 34.04 -11.81 9.59
C SER A 1 32.87 -10.99 10.10
N ILE A 2 32.59 -9.87 9.46
CA ILE A 2 31.32 -9.18 9.69
C ILE A 2 30.33 -9.63 8.63
N LEU A 3 29.22 -10.23 9.03
CA LEU A 3 28.17 -10.57 8.06
C LEU A 3 26.98 -9.62 8.18
N ALA A 4 26.81 -8.77 7.17
CA ALA A 4 25.74 -7.80 7.13
C ALA A 4 24.85 -8.04 5.93
N THR A 5 23.74 -8.72 6.16
CA THR A 5 22.81 -9.10 5.11
C THR A 5 21.80 -8.00 4.78
N PRO A 6 21.39 -7.88 3.52
CA PRO A 6 20.46 -6.80 3.14
C PRO A 6 19.18 -6.75 4.01
N ILE A 7 18.89 -5.53 4.46
CA ILE A 7 17.79 -5.24 5.36
C ILE A 7 16.63 -4.55 4.62
N LEU A 8 15.42 -5.10 4.77
CA LEU A 8 14.21 -4.48 4.22
C LEU A 8 13.32 -3.83 5.26
N ILE A 9 12.84 -2.64 4.95
CA ILE A 9 11.93 -1.88 5.82
C ILE A 9 10.75 -1.30 5.02
N PRO A 10 9.52 -1.48 5.51
CA PRO A 10 8.39 -0.90 4.78
C PRO A 10 8.33 0.59 5.02
N GLU A 11 8.07 1.39 3.99
CA GLU A 11 7.89 2.83 4.21
C GLU A 11 6.64 3.12 5.07
N ASN A 12 6.46 4.38 5.43
CA ASN A 12 5.37 4.80 6.31
C ASN A 12 5.12 3.84 7.48
N GLN A 13 6.18 3.45 8.19
CA GLN A 13 6.01 2.77 9.46
C GLN A 13 5.38 3.69 10.52
N ARG A 14 4.79 3.08 11.55
CA ARG A 14 4.21 3.87 12.62
C ARG A 14 5.08 3.89 13.89
N PRO A 15 5.10 5.03 14.61
CA PRO A 15 5.76 5.14 15.92
C PRO A 15 5.11 4.17 16.90
N PRO A 16 5.74 3.95 18.08
CA PRO A 16 6.94 4.61 18.61
C PRO A 16 8.23 4.19 17.93
N PHE A 17 9.15 5.15 17.82
CA PHE A 17 10.53 4.88 17.42
C PHE A 17 11.46 5.03 18.63
N PRO A 18 12.66 4.46 18.57
CA PRO A 18 13.19 3.72 17.42
C PRO A 18 12.60 2.32 17.32
N ARG A 19 12.70 1.72 16.14
CA ARG A 19 12.24 0.36 15.91
C ARG A 19 13.37 -0.46 15.30
N SER A 20 13.50 -1.71 15.76
CA SER A 20 14.57 -2.58 15.30
C SER A 20 14.28 -3.16 13.93
N VAL A 21 15.21 -2.94 13.00
CA VAL A 21 15.02 -3.38 11.61
C VAL A 21 15.98 -4.46 11.18
N GLY A 22 16.96 -4.77 12.02
CA GLY A 22 17.97 -5.74 11.66
C GLY A 22 19.09 -5.94 12.66
N LYS A 23 20.22 -6.42 12.17
CA LYS A 23 21.23 -6.98 13.05
C LYS A 23 22.48 -7.30 12.24
N VAL A 24 23.64 -6.89 12.73
CA VAL A 24 24.89 -7.24 12.07
C VAL A 24 25.61 -8.24 12.95
N ILE A 25 25.86 -9.43 12.41
CA ILE A 25 26.58 -10.46 13.11
C ILE A 25 28.05 -10.43 12.68
N ARG A 26 28.95 -10.71 13.61
CA ARG A 26 30.37 -10.76 13.27
C ARG A 26 31.03 -12.12 13.42
N SER A 27 31.49 -12.45 14.63
CA SER A 27 32.37 -13.60 14.86
C SER A 27 33.83 -13.17 14.92
N GLU A 28 34.61 -13.89 15.71
CA GLU A 28 36.06 -13.72 15.72
C GLU A 28 36.44 -12.27 16.04
N GLY A 29 36.42 -11.93 17.33
CA GLY A 29 36.74 -10.59 17.78
C GLY A 29 36.70 -10.44 19.30
N THR A 30 37.55 -9.55 19.82
CA THR A 30 37.68 -9.36 21.27
C THR A 30 36.45 -8.76 21.94
N GLU A 31 36.62 -8.35 23.19
CA GLU A 31 35.55 -7.66 23.91
C GLU A 31 35.85 -6.18 24.02
N GLY A 32 34.88 -5.41 24.47
CA GLY A 32 34.99 -3.96 24.48
C GLY A 32 34.89 -3.45 23.06
N ALA A 33 35.07 -4.36 22.11
CA ALA A 33 34.94 -4.05 20.69
C ALA A 33 33.51 -3.58 20.38
N LYS A 34 33.41 -2.58 19.51
CA LYS A 34 32.15 -1.89 19.29
C LYS A 34 31.78 -1.81 17.81
N PHE A 35 30.51 -1.99 17.50
CA PHE A 35 29.99 -1.79 16.16
C PHE A 35 29.88 -0.30 15.88
N ARG A 36 30.04 0.08 14.62
CA ARG A 36 29.90 1.49 14.23
C ARG A 36 29.36 1.64 12.81
N LEU A 37 28.16 2.22 12.71
CA LEU A 37 27.51 2.39 11.42
C LEU A 37 27.81 3.76 10.84
N SER A 38 27.72 3.86 9.52
CA SER A 38 28.09 5.08 8.82
C SER A 38 27.44 5.16 7.44
N GLY A 39 27.40 6.38 6.91
CA GLY A 39 26.89 6.60 5.57
C GLY A 39 25.80 7.64 5.59
N LYS A 40 25.26 7.96 4.42
CA LYS A 40 24.12 8.85 4.31
C LYS A 40 22.94 8.13 4.93
N GLY A 41 22.27 8.80 5.87
CA GLY A 41 21.23 8.16 6.63
C GLY A 41 21.67 8.04 8.06
N VAL A 42 22.98 8.01 8.27
CA VAL A 42 23.55 7.92 9.61
C VAL A 42 24.27 9.22 9.97
N ASP A 43 25.45 9.44 9.41
CA ASP A 43 26.26 10.60 9.78
C ASP A 43 26.54 11.49 8.57
N GLN A 44 25.67 11.36 7.56
CA GLN A 44 25.71 12.21 6.38
C GLN A 44 24.29 12.42 5.89
N ASP A 45 23.96 13.66 5.54
CA ASP A 45 22.63 13.96 5.04
C ASP A 45 22.12 12.83 4.14
N PRO A 46 20.91 12.33 4.40
CA PRO A 46 19.98 12.78 5.46
C PRO A 46 20.32 12.15 6.79
N LYS A 47 21.00 12.89 7.66
CA LYS A 47 21.56 12.27 8.85
C LYS A 47 20.50 11.81 9.86
N GLY A 48 20.92 10.93 10.76
CA GLY A 48 20.17 10.66 11.97
C GLY A 48 19.13 9.57 11.93
N ILE A 49 18.98 8.88 10.81
CA ILE A 49 17.83 7.98 10.69
C ILE A 49 18.07 6.54 11.16
N PHE A 50 19.26 5.97 10.92
CA PHE A 50 19.55 4.63 11.44
C PHE A 50 20.60 4.65 12.54
N ARG A 51 20.45 3.78 13.53
CA ARG A 51 21.46 3.61 14.58
C ARG A 51 21.98 2.19 14.59
N ILE A 52 23.11 1.97 15.25
CA ILE A 52 23.54 0.62 15.56
C ILE A 52 23.90 0.58 17.02
N ASN A 53 23.47 -0.49 17.67
CA ASN A 53 23.89 -0.77 19.02
C ASN A 53 25.33 -1.23 18.93
N GLU A 54 26.21 -0.62 19.72
CA GLU A 54 27.64 -0.93 19.59
C GLU A 54 28.04 -2.27 20.18
N ILE A 55 27.20 -2.83 21.05
CA ILE A 55 27.45 -4.16 21.59
C ILE A 55 26.78 -5.29 20.78
N SER A 56 25.45 -5.23 20.64
CA SER A 56 24.68 -6.33 20.03
C SER A 56 24.64 -6.29 18.51
N GLY A 57 24.86 -5.09 17.95
CA GLY A 57 24.91 -4.93 16.50
C GLY A 57 23.52 -4.91 15.92
N ASP A 58 22.56 -4.61 16.79
CA ASP A 58 21.18 -4.42 16.39
C ASP A 58 21.13 -3.13 15.59
N VAL A 59 20.48 -3.15 14.42
CA VAL A 59 20.29 -1.93 13.65
C VAL A 59 18.87 -1.39 13.77
N SER A 60 18.74 -0.11 14.09
CA SER A 60 17.41 0.45 14.27
C SER A 60 17.20 1.71 13.45
N VAL A 61 15.95 2.01 13.14
CA VAL A 61 15.56 3.25 12.45
C VAL A 61 14.80 4.18 13.42
N THR A 62 14.89 5.48 13.19
CA THR A 62 14.41 6.43 14.18
C THR A 62 13.10 7.12 13.78
N ARG A 63 12.56 6.77 12.62
CA ARG A 63 11.45 7.54 12.11
C ARG A 63 10.91 6.91 10.84
N PRO A 64 9.67 7.29 10.46
CA PRO A 64 9.08 6.74 9.23
C PRO A 64 9.94 7.04 8.00
N LEU A 65 10.01 6.07 7.10
CA LEU A 65 10.73 6.20 5.82
C LEU A 65 9.78 6.46 4.64
N ASP A 66 10.23 7.25 3.67
CA ASP A 66 9.44 7.48 2.45
C ASP A 66 10.18 6.90 1.26
N ARG A 67 9.60 5.86 0.65
CA ARG A 67 10.25 5.23 -0.49
C ARG A 67 10.51 6.19 -1.64
N GLU A 68 9.58 7.09 -1.94
CA GLU A 68 9.75 8.00 -3.08
C GLU A 68 10.80 9.06 -2.79
N ALA A 69 11.11 9.25 -1.51
CA ALA A 69 12.16 10.19 -1.16
C ALA A 69 13.51 9.49 -1.31
N ILE A 70 13.64 8.34 -0.68
CA ILE A 70 14.85 7.51 -0.77
C ILE A 70 14.42 6.04 -0.80
N ALA A 71 14.97 5.28 -1.73
CA ALA A 71 14.52 3.91 -1.94
C ALA A 71 15.54 2.91 -1.43
N ASN A 72 16.80 3.31 -1.46
CA ASN A 72 17.89 2.49 -0.96
C ASN A 72 18.86 3.26 -0.08
N TYR A 73 19.42 2.58 0.90
CA TYR A 73 20.51 3.16 1.67
C TYR A 73 21.80 2.35 1.49
N GLN A 74 22.88 3.05 1.17
CA GLN A 74 24.19 2.42 1.08
C GLN A 74 25.00 2.76 2.32
N LEU A 75 25.07 1.82 3.27
CA LEU A 75 25.74 2.04 4.55
C LEU A 75 27.03 1.23 4.67
N GLU A 76 27.86 1.59 5.63
CA GLU A 76 29.09 0.84 5.92
C GLU A 76 29.20 0.58 7.40
N VAL A 77 29.50 -0.67 7.74
CA VAL A 77 29.58 -1.08 9.13
C VAL A 77 30.97 -1.66 9.46
N GLU A 78 31.51 -1.26 10.61
CA GLU A 78 32.84 -1.72 11.01
C GLU A 78 32.96 -1.91 12.50
N VAL A 79 33.79 -2.87 12.93
CA VAL A 79 34.13 -3.02 14.36
C VAL A 79 35.44 -2.29 14.71
N THR A 80 35.44 -1.58 15.85
CA THR A 80 36.63 -0.85 16.28
C THR A 80 37.07 -1.16 17.72
N ASP A 81 38.36 -0.99 17.99
CA ASP A 81 38.91 -1.01 19.35
C ASP A 81 38.45 0.21 20.12
N LEU A 82 38.48 0.11 21.45
CA LEU A 82 38.11 1.23 22.32
C LEU A 82 38.80 2.50 21.81
N SER A 83 39.96 2.29 21.19
CA SER A 83 40.80 3.33 20.64
C SER A 83 40.12 4.16 19.55
N GLY A 84 39.68 3.48 18.50
CA GLY A 84 39.08 4.15 17.35
C GLY A 84 39.49 3.50 16.04
N LYS A 85 40.56 2.70 16.12
CA LYS A 85 41.13 2.02 14.97
C LYS A 85 40.32 0.79 14.59
N ILE A 86 40.04 0.65 13.30
CA ILE A 86 39.28 -0.50 12.81
C ILE A 86 40.01 -1.77 13.21
N ILE A 87 39.25 -2.79 13.61
CA ILE A 87 39.84 -4.08 13.89
C ILE A 87 39.15 -5.14 13.04
N ASP A 88 38.07 -4.72 12.39
CA ASP A 88 37.32 -5.60 11.51
C ASP A 88 36.87 -4.79 10.30
N GLY A 89 37.80 -4.59 9.36
CA GLY A 89 37.61 -3.74 8.18
C GLY A 89 36.16 -3.62 7.74
N PRO A 90 35.81 -2.52 7.07
CA PRO A 90 34.42 -2.12 6.77
C PRO A 90 33.66 -3.11 5.87
N VAL A 91 32.34 -3.14 5.98
CA VAL A 91 31.54 -3.86 4.99
C VAL A 91 30.32 -3.04 4.63
N ARG A 92 29.69 -3.39 3.51
CA ARG A 92 28.48 -2.71 3.10
C ARG A 92 27.25 -3.33 3.74
N LEU A 93 26.36 -2.46 4.22
CA LEU A 93 25.04 -2.85 4.69
C LEU A 93 23.99 -2.18 3.79
N ASP A 94 23.34 -2.98 2.94
CA ASP A 94 22.31 -2.46 2.04
C ASP A 94 20.93 -2.53 2.68
N ILE A 95 20.29 -1.37 2.74
CA ILE A 95 18.95 -1.25 3.27
C ILE A 95 18.03 -0.84 2.13
N SER A 96 16.97 -1.64 1.91
CA SER A 96 15.98 -1.34 0.87
C SER A 96 14.65 -1.00 1.50
N VAL A 97 13.88 -0.13 0.86
CA VAL A 97 12.58 0.22 1.43
C VAL A 97 11.37 -0.34 0.64
N ILE A 98 10.54 -1.13 1.31
CA ILE A 98 9.38 -1.76 0.69
C ILE A 98 8.32 -0.73 0.30
N ASP A 99 7.87 -0.80 -0.94
CA ASP A 99 6.87 0.13 -1.46
C ASP A 99 5.55 -0.11 -0.77
N GLN A 100 4.87 0.98 -0.46
CA GLN A 100 3.53 0.93 0.08
C GLN A 100 2.70 1.86 -0.83
N ASN A 101 1.46 1.48 -1.14
CA ASN A 101 0.68 2.23 -2.13
C ASN A 101 0.21 3.61 -1.62
N ASP A 102 1.07 4.61 -1.70
CA ASP A 102 0.74 5.91 -1.13
C ASP A 102 0.83 7.05 -2.11
N ASN A 103 0.88 6.72 -3.38
CA ASN A 103 0.83 7.76 -4.39
C ASN A 103 -0.30 7.48 -5.35
N ARG A 104 -1.13 8.47 -5.61
CA ARG A 104 -2.29 8.23 -6.47
C ARG A 104 -1.89 8.46 -7.93
N PRO A 105 -2.37 7.60 -8.84
CA PRO A 105 -2.14 7.79 -10.29
C PRO A 105 -2.58 9.18 -10.75
N MET A 106 -1.77 9.85 -11.58
CA MET A 106 -2.20 11.13 -12.16
C MET A 106 -1.76 11.39 -13.62
N PHE A 107 -2.60 12.16 -14.33
CA PHE A 107 -2.36 12.51 -15.73
C PHE A 107 -1.67 13.87 -15.89
N LYS A 108 -0.36 13.86 -16.09
CA LYS A 108 0.45 15.08 -16.09
C LYS A 108 0.71 15.68 -17.47
N GLU A 109 -0.12 15.32 -18.45
CA GLU A 109 0.05 15.82 -19.81
C GLU A 109 -1.17 16.62 -20.27
N GLY A 110 -1.67 17.50 -19.43
CA GLY A 110 -2.77 18.35 -19.84
C GLY A 110 -2.30 19.29 -20.92
N PRO A 111 -3.13 19.53 -21.93
CA PRO A 111 -4.43 18.89 -22.15
C PRO A 111 -4.35 17.79 -23.21
N TYR A 112 -5.40 16.97 -23.30
CA TYR A 112 -5.42 15.79 -24.17
C TYR A 112 -6.40 15.95 -25.32
N VAL A 113 -5.89 16.08 -26.54
CA VAL A 113 -6.74 16.16 -27.70
C VAL A 113 -6.36 15.15 -28.79
N GLY A 114 -7.38 14.61 -29.45
CA GLY A 114 -7.16 13.69 -30.55
C GLY A 114 -8.09 14.06 -31.69
N HIS A 115 -8.01 13.28 -32.76
CA HIS A 115 -8.87 13.49 -33.91
C HIS A 115 -9.32 12.13 -34.44
N VAL A 116 -10.53 12.08 -35.00
CA VAL A 116 -10.99 10.89 -35.69
C VAL A 116 -11.95 11.23 -36.82
N MET A 117 -11.66 10.66 -38.00
CA MET A 117 -12.37 11.00 -39.22
C MET A 117 -13.82 10.51 -39.18
N GLU A 118 -14.75 11.36 -39.62
CA GLU A 118 -16.15 10.97 -39.62
C GLU A 118 -16.37 9.71 -40.46
N GLY A 119 -17.02 8.72 -39.87
CA GLY A 119 -17.23 7.45 -40.53
C GLY A 119 -15.97 6.60 -40.51
N SER A 120 -15.50 6.28 -39.32
CA SER A 120 -14.36 5.38 -39.16
C SER A 120 -14.84 3.98 -38.76
N PRO A 121 -13.96 2.99 -38.94
CA PRO A 121 -14.31 1.61 -38.56
C PRO A 121 -14.02 1.31 -37.10
N THR A 122 -14.64 0.26 -36.58
CA THR A 122 -14.32 -0.27 -35.26
C THR A 122 -12.84 -0.68 -35.18
N GLY A 123 -12.06 0.04 -34.36
CA GLY A 123 -10.67 -0.32 -34.14
C GLY A 123 -9.70 0.84 -34.31
N THR A 124 -10.15 1.90 -34.97
CA THR A 124 -9.30 3.07 -35.24
C THR A 124 -8.66 3.69 -33.99
N THR A 125 -7.36 3.53 -33.82
CA THR A 125 -6.68 4.20 -32.71
C THR A 125 -6.78 5.71 -32.88
N VAL A 126 -7.37 6.37 -31.87
CA VAL A 126 -7.63 7.79 -31.92
C VAL A 126 -6.54 8.51 -31.18
N MET A 127 -6.15 7.91 -30.06
CA MET A 127 -5.07 8.42 -29.22
C MET A 127 -4.87 7.49 -28.02
N ARG A 128 -3.73 7.66 -27.37
CA ARG A 128 -3.46 6.95 -26.14
C ARG A 128 -3.26 7.93 -25.01
N MET A 129 -3.75 7.57 -23.83
CA MET A 129 -3.53 8.38 -22.66
C MET A 129 -3.00 7.52 -21.53
N THR A 130 -1.82 7.90 -21.03
CA THR A 130 -1.16 7.14 -19.98
C THR A 130 -0.91 8.00 -18.75
N ALA A 131 -1.27 7.46 -17.58
CA ALA A 131 -1.06 8.19 -16.34
C ALA A 131 0.25 7.79 -15.70
N PHE A 132 0.81 8.71 -14.92
CA PHE A 132 2.03 8.47 -14.15
C PHE A 132 1.68 8.09 -12.71
N ASP A 133 2.53 7.30 -12.08
CA ASP A 133 2.30 6.89 -10.70
C ASP A 133 3.60 6.82 -9.92
N ALA A 134 3.71 7.64 -8.87
CA ALA A 134 4.97 7.76 -8.15
C ALA A 134 5.48 6.48 -7.49
N ASP A 135 4.63 5.46 -7.40
CA ASP A 135 4.99 4.23 -6.70
C ASP A 135 5.84 3.25 -7.52
N ASP A 136 5.99 2.03 -7.04
CA ASP A 136 6.93 1.09 -7.63
C ASP A 136 6.28 0.23 -8.71
N PRO A 137 6.73 0.40 -9.98
CA PRO A 137 6.07 -0.26 -11.12
C PRO A 137 6.28 -1.76 -11.07
N SER A 138 7.22 -2.23 -10.25
CA SER A 138 7.45 -3.67 -10.11
C SER A 138 6.37 -4.33 -9.25
N THR A 139 5.64 -3.50 -8.52
CA THR A 139 4.59 -3.96 -7.64
C THR A 139 3.23 -3.63 -8.27
N ASP A 140 2.17 -3.77 -7.50
CA ASP A 140 0.83 -3.40 -7.96
C ASP A 140 0.56 -1.95 -7.63
N ASN A 141 1.41 -1.35 -6.83
CA ASN A 141 1.10 -0.04 -6.32
C ASN A 141 1.08 0.97 -7.46
N ALA A 142 2.00 0.81 -8.41
CA ALA A 142 1.78 1.30 -9.76
C ALA A 142 1.36 0.04 -10.50
N LEU A 143 1.31 0.06 -11.82
CA LEU A 143 0.54 -0.97 -12.53
C LEU A 143 -0.90 -0.49 -12.67
N LEU A 144 -1.13 0.31 -13.70
CA LEU A 144 -2.39 0.99 -13.88
C LEU A 144 -3.27 0.28 -14.92
N ARG A 145 -4.58 0.40 -14.72
CA ARG A 145 -5.55 -0.04 -15.71
C ARG A 145 -6.49 1.10 -16.07
N TYR A 146 -6.97 1.10 -17.31
CA TYR A 146 -7.70 2.26 -17.83
C TYR A 146 -9.18 2.02 -18.03
N ASN A 147 -9.94 3.11 -17.90
CA ASN A 147 -11.38 3.04 -18.11
C ASN A 147 -11.97 4.37 -18.57
N ILE A 148 -12.95 4.30 -19.47
CA ILE A 148 -13.77 5.49 -19.79
C ILE A 148 -14.94 5.59 -18.79
N LEU A 149 -15.01 6.72 -18.06
CA LEU A 149 -16.01 6.90 -17.01
C LEU A 149 -17.26 7.56 -17.54
N LYS A 150 -17.10 8.61 -18.34
CA LYS A 150 -18.26 9.30 -18.90
C LYS A 150 -17.93 9.82 -20.29
N GLN A 151 -18.96 10.13 -21.07
CA GLN A 151 -18.81 10.71 -22.39
C GLN A 151 -19.92 11.68 -22.71
N THR A 152 -19.56 12.91 -23.08
CA THR A 152 -20.51 13.93 -23.51
C THR A 152 -20.11 14.43 -24.88
N PRO A 153 -21.07 14.59 -25.78
CA PRO A 153 -22.49 14.21 -25.65
C PRO A 153 -22.71 12.71 -25.85
N THR A 154 -23.98 12.31 -25.95
CA THR A 154 -24.36 10.90 -25.99
C THR A 154 -24.96 10.47 -27.32
N LYS A 155 -24.96 11.37 -28.30
CA LYS A 155 -25.44 11.02 -29.64
C LYS A 155 -24.29 10.86 -30.64
N PRO A 156 -24.33 9.78 -31.46
CA PRO A 156 -25.39 8.78 -31.59
C PRO A 156 -25.49 7.86 -30.37
N SER A 157 -24.37 7.28 -29.97
CA SER A 157 -24.37 6.33 -28.86
C SER A 157 -23.72 6.89 -27.60
N PRO A 158 -24.21 6.46 -26.43
CA PRO A 158 -23.64 6.82 -25.13
C PRO A 158 -22.21 6.30 -24.99
N ASN A 159 -21.88 5.19 -25.65
CA ASN A 159 -20.47 4.78 -25.69
C ASN A 159 -19.90 4.48 -27.08
N MET A 160 -19.29 5.51 -27.65
CA MET A 160 -18.70 5.48 -28.97
C MET A 160 -17.24 5.02 -28.93
N PHE A 161 -16.64 5.02 -27.76
CA PHE A 161 -15.25 4.62 -27.64
C PHE A 161 -15.06 3.50 -26.61
N TYR A 162 -13.89 2.87 -26.68
CA TYR A 162 -13.45 1.88 -25.71
C TYR A 162 -11.99 2.21 -25.47
N ILE A 163 -11.51 2.04 -24.24
CA ILE A 163 -10.09 2.25 -23.95
C ILE A 163 -9.44 0.96 -23.48
N ASP A 164 -8.27 0.64 -24.02
CA ASP A 164 -7.58 -0.59 -23.62
C ASP A 164 -7.09 -0.47 -22.18
N PRO A 165 -7.56 -1.37 -21.32
CA PRO A 165 -7.21 -1.45 -19.89
C PRO A 165 -5.72 -1.31 -19.61
N GLU A 166 -4.90 -2.12 -20.28
CA GLU A 166 -3.45 -2.04 -20.07
C GLU A 166 -2.81 -0.88 -20.82
N LYS A 167 -3.05 -0.79 -22.12
CA LYS A 167 -2.24 0.05 -23.00
C LYS A 167 -2.62 1.54 -23.06
N GLY A 168 -3.87 1.84 -22.71
CA GLY A 168 -4.34 3.22 -22.64
C GLY A 168 -4.80 3.77 -23.98
N ASP A 169 -4.99 2.89 -24.95
CA ASP A 169 -5.42 3.30 -26.30
C ASP A 169 -6.93 3.52 -26.40
N ILE A 170 -7.31 4.66 -26.95
CA ILE A 170 -8.70 4.96 -27.17
C ILE A 170 -9.02 4.61 -28.61
N VAL A 171 -9.89 3.62 -28.79
CA VAL A 171 -10.33 3.22 -30.12
C VAL A 171 -11.80 3.53 -30.34
N THR A 172 -12.18 3.71 -31.60
CA THR A 172 -13.57 3.95 -31.97
C THR A 172 -14.36 2.65 -31.97
N VAL A 173 -15.59 2.71 -31.46
CA VAL A 173 -16.49 1.57 -31.56
C VAL A 173 -17.84 1.95 -32.17
N VAL A 174 -17.83 2.79 -33.20
CA VAL A 174 -19.08 3.17 -33.84
C VAL A 174 -19.04 3.41 -35.36
N SER A 175 -19.21 2.31 -36.12
CA SER A 175 -19.62 2.30 -37.53
C SER A 175 -19.19 3.48 -38.43
N PRO A 176 -19.28 3.28 -39.78
CA PRO A 176 -19.24 4.33 -40.81
C PRO A 176 -20.61 4.99 -40.93
N VAL A 177 -21.32 5.02 -39.81
CA VAL A 177 -22.70 5.48 -39.73
C VAL A 177 -22.84 6.35 -38.50
N LEU A 178 -23.04 5.66 -37.38
CA LEU A 178 -23.17 6.25 -36.06
C LEU A 178 -21.84 6.80 -35.56
N LEU A 179 -21.19 7.62 -36.40
CA LEU A 179 -19.89 8.21 -36.08
C LEU A 179 -19.59 9.29 -37.13
N ASP A 180 -20.55 10.18 -37.34
CA ASP A 180 -20.40 11.16 -38.40
C ASP A 180 -20.90 12.54 -37.99
N ARG A 181 -20.31 13.58 -38.59
CA ARG A 181 -20.61 14.96 -38.25
C ARG A 181 -21.99 15.40 -38.73
N GLU A 182 -21.97 16.41 -39.61
CA GLU A 182 -23.14 17.01 -40.27
C GLU A 182 -24.46 17.03 -39.47
N THR A 183 -24.86 15.85 -39.01
CA THR A 183 -26.05 15.69 -38.17
C THR A 183 -25.80 16.20 -36.76
N MET A 184 -24.71 16.94 -36.57
CA MET A 184 -24.25 17.29 -35.23
C MET A 184 -24.27 18.79 -34.90
N GLU A 185 -23.49 19.15 -33.88
CA GLU A 185 -23.52 20.47 -33.25
C GLU A 185 -22.14 21.15 -33.28
N THR A 186 -21.18 20.53 -32.59
CA THR A 186 -19.78 20.96 -32.61
C THR A 186 -18.87 19.76 -32.94
N PRO A 187 -17.60 20.04 -33.25
CA PRO A 187 -16.74 18.93 -33.67
C PRO A 187 -16.42 17.87 -32.60
N LYS A 188 -16.99 17.95 -31.41
CA LYS A 188 -16.32 17.31 -30.26
C LYS A 188 -17.08 16.41 -29.26
N TYR A 189 -16.40 15.34 -28.84
CA TYR A 189 -16.80 14.52 -27.70
C TYR A 189 -15.81 14.73 -26.54
N GLU A 190 -16.32 14.81 -25.31
CA GLU A 190 -15.46 14.91 -24.13
C GLU A 190 -15.59 13.67 -23.25
N LEU A 191 -14.47 12.97 -23.02
CA LEU A 191 -14.47 11.76 -22.19
C LEU A 191 -13.80 11.99 -20.85
N VAL A 192 -14.24 11.26 -19.84
CA VAL A 192 -13.56 11.24 -18.55
C VAL A 192 -12.73 9.96 -18.45
N ILE A 193 -11.41 10.10 -18.43
CA ILE A 193 -10.56 8.91 -18.34
C ILE A 193 -10.10 8.69 -16.92
N GLU A 194 -10.15 7.43 -16.50
CA GLU A 194 -9.71 7.06 -15.17
C GLU A 194 -8.54 6.09 -15.31
N ALA A 195 -7.50 6.31 -14.52
CA ALA A 195 -6.46 5.30 -14.36
C ALA A 195 -6.65 4.72 -12.97
N LYS A 196 -6.52 3.40 -12.85
CA LYS A 196 -6.66 2.75 -11.56
C LYS A 196 -5.43 1.91 -11.16
N ASP A 197 -5.06 1.99 -9.89
CA ASP A 197 -3.96 1.22 -9.31
C ASP A 197 -4.25 -0.27 -9.20
N MET A 198 -3.26 -1.00 -8.69
CA MET A 198 -3.47 -2.39 -8.28
C MET A 198 -4.08 -3.21 -9.41
N GLY A 199 -3.69 -2.89 -10.64
CA GLY A 199 -4.18 -3.58 -11.82
C GLY A 199 -5.69 -3.61 -11.98
N GLY A 200 -6.33 -2.49 -11.66
CA GLY A 200 -7.76 -2.29 -11.87
C GLY A 200 -8.71 -2.97 -10.89
N HIS A 201 -8.14 -3.57 -9.84
CA HIS A 201 -8.97 -4.20 -8.82
C HIS A 201 -9.61 -3.12 -7.97
N ASP A 202 -10.75 -3.43 -7.37
CA ASP A 202 -11.54 -2.38 -6.73
C ASP A 202 -10.77 -1.63 -5.65
N VAL A 203 -9.71 -2.21 -5.13
CA VAL A 203 -8.94 -1.54 -4.10
C VAL A 203 -7.93 -0.54 -4.68
N GLY A 204 -8.16 -0.09 -5.90
CA GLY A 204 -7.23 0.83 -6.54
C GLY A 204 -7.50 2.28 -6.21
N LEU A 205 -6.45 3.09 -6.31
CA LEU A 205 -6.60 4.54 -6.20
C LEU A 205 -6.73 5.06 -7.62
N THR A 206 -7.35 6.21 -7.80
CA THR A 206 -7.65 6.63 -9.16
C THR A 206 -7.35 8.07 -9.43
N GLY A 207 -6.97 8.36 -10.65
CA GLY A 207 -6.79 9.73 -11.11
C GLY A 207 -7.63 9.88 -12.34
N THR A 208 -7.87 11.11 -12.75
CA THR A 208 -8.74 11.33 -13.89
C THR A 208 -8.26 12.50 -14.72
N ALA A 209 -8.48 12.40 -16.02
CA ALA A 209 -8.26 13.50 -16.94
C ALA A 209 -9.42 13.55 -17.92
N THR A 210 -9.63 14.70 -18.54
CA THR A 210 -10.59 14.80 -19.63
C THR A 210 -9.85 14.80 -20.96
N ALA A 211 -10.30 13.95 -21.87
CA ALA A 211 -9.72 13.85 -23.21
C ALA A 211 -10.72 14.36 -24.22
N THR A 212 -10.42 15.48 -24.86
CA THR A 212 -11.31 16.00 -25.90
C THR A 212 -11.06 15.35 -27.25
N ILE A 213 -12.08 14.76 -27.85
CA ILE A 213 -11.93 14.13 -29.16
C ILE A 213 -12.75 14.83 -30.24
N LEU A 214 -12.05 15.39 -31.23
CA LEU A 214 -12.69 16.12 -32.31
C LEU A 214 -12.98 15.21 -33.51
N ILE A 215 -14.20 15.31 -34.05
CA ILE A 215 -14.59 14.55 -35.23
C ILE A 215 -14.36 15.34 -36.50
N ASP A 216 -13.60 14.76 -37.43
CA ASP A 216 -13.14 15.52 -38.60
C ASP A 216 -13.97 15.31 -39.86
N ASP A 217 -13.95 16.32 -40.72
CA ASP A 217 -14.62 16.27 -42.02
C ASP A 217 -13.85 15.34 -42.96
N SER B 1 26.62 -21.45 13.32
CA SER B 1 27.27 -21.80 12.06
C SER B 1 26.25 -21.96 10.92
N ILE B 2 25.11 -22.61 11.21
CA ILE B 2 24.06 -22.78 10.20
C ILE B 2 23.43 -21.43 9.80
N LEU B 3 23.11 -20.62 10.80
CA LEU B 3 23.05 -19.17 10.66
C LEU B 3 22.32 -18.59 9.44
N ALA B 4 21.13 -18.03 9.64
CA ALA B 4 20.57 -17.12 8.64
C ALA B 4 19.25 -16.41 9.00
N THR B 5 18.93 -15.41 8.17
CA THR B 5 18.16 -14.23 8.57
C THR B 5 16.66 -14.27 8.32
N PRO B 6 15.89 -13.61 9.21
CA PRO B 6 14.44 -13.41 9.10
C PRO B 6 14.07 -12.68 7.81
N ILE B 7 13.33 -13.34 6.92
CA ILE B 7 12.97 -12.74 5.64
C ILE B 7 11.65 -11.95 5.68
N LEU B 8 11.67 -10.74 5.14
CA LEU B 8 10.44 -9.97 4.97
C LEU B 8 10.00 -10.02 3.52
N ILE B 9 8.70 -10.19 3.28
CA ILE B 9 8.18 -10.23 1.91
C ILE B 9 6.86 -9.48 1.76
N PRO B 10 6.80 -8.54 0.80
CA PRO B 10 5.54 -7.83 0.57
C PRO B 10 4.53 -8.82 0.03
N GLU B 11 3.27 -8.69 0.42
CA GLU B 11 2.26 -9.50 -0.20
C GLU B 11 2.09 -9.04 -1.63
N ASN B 12 1.33 -9.82 -2.40
CA ASN B 12 0.91 -9.44 -3.74
C ASN B 12 2.06 -9.14 -4.70
N GLN B 13 3.20 -9.81 -4.52
CA GLN B 13 4.28 -9.69 -5.49
C GLN B 13 3.85 -10.08 -6.89
N ARG B 14 4.21 -9.25 -7.87
CA ARG B 14 3.95 -9.60 -9.27
C ARG B 14 4.86 -10.71 -9.81
N PRO B 15 4.38 -11.43 -10.84
CA PRO B 15 5.21 -12.44 -11.51
C PRO B 15 6.40 -11.77 -12.21
N PRO B 16 7.39 -12.58 -12.61
CA PRO B 16 7.31 -14.04 -12.60
C PRO B 16 7.78 -14.63 -11.30
N PHE B 17 7.55 -15.93 -11.14
CA PHE B 17 8.14 -16.69 -10.05
C PHE B 17 9.05 -17.85 -10.56
N PRO B 18 9.86 -18.44 -9.66
CA PRO B 18 10.08 -18.03 -8.27
C PRO B 18 11.04 -16.86 -8.19
N ARG B 19 11.02 -16.15 -7.07
CA ARG B 19 11.87 -14.99 -6.86
C ARG B 19 12.66 -15.18 -5.59
N SER B 20 13.91 -14.74 -5.60
CA SER B 20 14.74 -14.78 -4.40
C SER B 20 14.12 -13.90 -3.31
N VAL B 21 14.25 -14.32 -2.06
CA VAL B 21 13.72 -13.52 -0.97
C VAL B 21 14.72 -13.42 0.17
N GLY B 22 15.70 -14.33 0.16
CA GLY B 22 16.72 -14.36 1.20
C GLY B 22 17.75 -15.43 0.91
N LYS B 23 18.62 -15.68 1.89
CA LYS B 23 19.75 -16.57 1.66
C LYS B 23 20.32 -17.05 2.98
N VAL B 24 20.23 -18.35 3.22
CA VAL B 24 20.81 -18.95 4.41
C VAL B 24 22.31 -19.11 4.25
N ILE B 25 23.07 -18.59 5.19
CA ILE B 25 24.54 -18.69 5.12
C ILE B 25 25.02 -19.78 6.06
N ARG B 26 26.03 -20.53 5.65
CA ARG B 26 26.59 -21.53 6.56
C ARG B 26 28.02 -21.23 6.94
N SER B 27 28.92 -21.44 5.98
CA SER B 27 30.37 -21.36 6.19
C SER B 27 30.99 -22.73 6.49
N GLU B 28 31.46 -22.87 7.73
CA GLU B 28 31.95 -24.12 8.27
C GLU B 28 31.15 -25.28 7.70
N GLY B 29 31.53 -25.70 6.48
CA GLY B 29 30.73 -26.65 5.72
C GLY B 29 31.43 -27.50 4.68
N THR B 30 31.22 -28.81 4.80
CA THR B 30 31.77 -29.82 3.90
C THR B 30 31.47 -29.53 2.44
N GLU B 31 31.99 -30.40 1.58
CA GLU B 31 31.62 -30.42 0.17
C GLU B 31 30.54 -31.48 -0.03
N GLY B 32 29.74 -31.32 -1.08
CA GLY B 32 28.60 -32.19 -1.30
C GLY B 32 27.58 -32.03 -0.18
N ALA B 33 27.56 -30.84 0.41
CA ALA B 33 26.60 -30.51 1.46
C ALA B 33 25.34 -29.95 0.82
N LYS B 34 24.20 -30.15 1.48
CA LYS B 34 22.93 -29.72 0.93
C LYS B 34 22.10 -28.96 1.97
N PHE B 35 21.72 -27.74 1.61
CA PHE B 35 20.75 -26.99 2.40
C PHE B 35 19.41 -27.64 2.13
N ARG B 36 18.70 -27.99 3.20
CA ARG B 36 17.32 -28.45 3.08
C ARG B 36 16.37 -27.64 3.94
N LEU B 37 15.22 -27.28 3.36
CA LEU B 37 14.24 -26.44 4.02
C LEU B 37 12.96 -27.23 4.36
N SER B 38 12.27 -26.84 5.42
CA SER B 38 11.00 -27.45 5.75
C SER B 38 10.16 -26.58 6.70
N GLY B 39 8.99 -27.08 7.09
CA GLY B 39 8.07 -26.35 7.96
C GLY B 39 6.78 -25.94 7.27
N LYS B 40 5.97 -25.11 7.93
CA LYS B 40 4.79 -24.56 7.29
C LYS B 40 5.16 -23.69 6.08
N GLY B 41 4.68 -24.07 4.90
CA GLY B 41 4.95 -23.33 3.69
C GLY B 41 5.81 -24.13 2.72
N VAL B 42 6.34 -25.22 3.25
CA VAL B 42 7.20 -26.11 2.48
C VAL B 42 6.58 -27.49 2.42
N ASP B 43 6.45 -28.11 3.60
CA ASP B 43 5.95 -29.48 3.69
C ASP B 43 4.89 -29.58 4.80
N GLN B 44 4.28 -28.45 5.13
CA GLN B 44 3.06 -28.40 5.96
C GLN B 44 2.14 -27.33 5.38
N ASP B 45 0.86 -27.67 5.25
CA ASP B 45 -0.13 -26.76 4.67
C ASP B 45 0.06 -25.32 5.13
N PRO B 46 0.30 -24.39 4.17
CA PRO B 46 0.32 -24.61 2.72
C PRO B 46 1.64 -25.15 2.17
N LYS B 47 1.66 -26.42 1.81
CA LYS B 47 2.85 -27.02 1.24
C LYS B 47 3.30 -26.25 0.00
N GLY B 48 4.62 -26.11 -0.18
CA GLY B 48 5.20 -25.76 -1.46
C GLY B 48 5.41 -24.32 -1.90
N ILE B 49 5.31 -23.36 -0.99
CA ILE B 49 5.49 -21.96 -1.37
C ILE B 49 6.92 -21.43 -1.23
N PHE B 50 7.74 -22.14 -0.47
CA PHE B 50 9.12 -21.70 -0.30
C PHE B 50 10.13 -22.76 -0.70
N ARG B 51 11.24 -22.31 -1.30
CA ARG B 51 12.29 -23.18 -1.83
C ARG B 51 13.72 -22.66 -1.47
N ILE B 52 14.61 -23.56 -1.06
CA ILE B 52 16.01 -23.18 -0.89
C ILE B 52 16.86 -23.88 -1.94
N ASN B 53 17.73 -23.13 -2.60
CA ASN B 53 18.76 -23.72 -3.45
C ASN B 53 19.67 -24.56 -2.60
N GLU B 54 19.85 -25.82 -2.97
CA GLU B 54 20.54 -26.75 -2.09
C GLU B 54 22.06 -26.49 -2.02
N ILE B 55 22.57 -25.80 -3.04
CA ILE B 55 23.99 -25.44 -3.10
C ILE B 55 24.28 -24.08 -2.49
N SER B 56 23.53 -23.07 -2.94
CA SER B 56 23.79 -21.67 -2.60
C SER B 56 23.12 -21.23 -1.29
N GLY B 57 22.11 -21.95 -0.85
CA GLY B 57 21.36 -21.55 0.33
C GLY B 57 20.47 -20.36 0.03
N ASP B 58 20.11 -20.22 -1.24
CA ASP B 58 19.23 -19.16 -1.70
C ASP B 58 17.74 -19.50 -1.44
N VAL B 59 17.10 -18.74 -0.57
CA VAL B 59 15.69 -18.97 -0.28
C VAL B 59 14.82 -18.16 -1.23
N SER B 60 13.92 -18.84 -1.93
CA SER B 60 13.09 -18.19 -2.92
C SER B 60 11.62 -18.50 -2.67
N VAL B 61 10.75 -17.64 -3.18
CA VAL B 61 9.32 -17.81 -3.01
C VAL B 61 8.74 -18.14 -4.38
N THR B 62 7.69 -18.97 -4.41
CA THR B 62 7.20 -19.53 -5.68
C THR B 62 5.88 -18.94 -6.18
N ARG B 63 5.31 -18.01 -5.43
CA ARG B 63 4.00 -17.44 -5.75
C ARG B 63 3.72 -16.26 -4.84
N PRO B 64 2.72 -15.43 -5.21
CA PRO B 64 2.30 -14.28 -4.41
C PRO B 64 1.61 -14.68 -3.12
N LEU B 65 1.71 -13.82 -2.11
CA LEU B 65 1.25 -14.13 -0.77
C LEU B 65 0.13 -13.19 -0.31
N ASP B 66 -0.63 -13.63 0.69
CA ASP B 66 -1.76 -12.88 1.20
C ASP B 66 -1.64 -12.70 2.70
N ARG B 67 -1.32 -11.48 3.12
CA ARG B 67 -1.07 -11.24 4.54
C ARG B 67 -2.28 -11.55 5.41
N GLU B 68 -3.48 -11.18 4.96
CA GLU B 68 -4.69 -11.43 5.75
C GLU B 68 -5.20 -12.85 5.63
N ALA B 69 -4.57 -13.65 4.78
CA ALA B 69 -4.71 -15.10 4.89
C ALA B 69 -3.67 -15.63 5.89
N ILE B 70 -2.40 -15.54 5.50
CA ILE B 70 -1.30 -16.00 6.34
C ILE B 70 -0.25 -14.90 6.56
N ALA B 71 -0.03 -14.55 7.83
CA ALA B 71 0.80 -13.40 8.19
C ALA B 71 2.25 -13.74 8.52
N ASN B 72 2.51 -15.01 8.81
CA ASN B 72 3.86 -15.46 9.14
C ASN B 72 4.01 -16.91 8.77
N TYR B 73 5.21 -17.29 8.34
CA TYR B 73 5.60 -18.69 8.24
C TYR B 73 6.83 -18.93 9.12
N GLN B 74 6.91 -20.09 9.77
CA GLN B 74 8.12 -20.47 10.51
C GLN B 74 8.69 -21.73 9.91
N LEU B 75 9.80 -21.56 9.20
CA LEU B 75 10.44 -22.62 8.45
C LEU B 75 11.61 -23.12 9.25
N GLU B 76 12.16 -24.26 8.83
CA GLU B 76 13.36 -24.79 9.44
C GLU B 76 14.36 -25.29 8.39
N VAL B 77 15.58 -24.80 8.50
CA VAL B 77 16.66 -25.13 7.57
C VAL B 77 17.72 -26.03 8.21
N GLU B 78 18.39 -26.82 7.39
CA GLU B 78 19.49 -27.66 7.86
C GLU B 78 20.36 -28.10 6.69
N VAL B 79 21.63 -28.38 6.97
CA VAL B 79 22.50 -28.95 5.96
C VAL B 79 22.56 -30.45 6.16
N THR B 80 22.89 -31.20 5.10
CA THR B 80 22.96 -32.66 5.25
C THR B 80 24.23 -33.29 4.70
N ASP B 81 24.42 -34.53 5.14
CA ASP B 81 25.52 -35.42 4.73
C ASP B 81 25.56 -35.56 3.21
N LEU B 82 26.37 -36.50 2.72
CA LEU B 82 26.15 -37.01 1.37
C LEU B 82 24.93 -37.91 1.43
N SER B 83 24.86 -38.73 2.47
CA SER B 83 23.65 -39.50 2.73
C SER B 83 22.51 -38.53 3.02
N GLY B 84 22.18 -38.37 4.29
CA GLY B 84 21.12 -37.47 4.69
C GLY B 84 21.19 -37.15 6.17
N LYS B 85 22.35 -37.40 6.77
CA LYS B 85 22.51 -37.16 8.19
C LYS B 85 22.92 -35.71 8.41
N ILE B 86 22.29 -35.06 9.38
CA ILE B 86 22.43 -33.62 9.54
C ILE B 86 23.81 -33.24 10.04
N ILE B 87 24.55 -32.57 9.17
CA ILE B 87 25.88 -32.07 9.52
C ILE B 87 25.77 -30.63 10.04
N ASP B 88 24.58 -30.06 9.96
CA ASP B 88 24.35 -28.76 10.55
C ASP B 88 22.93 -28.64 11.06
N GLY B 89 22.72 -29.08 12.30
CA GLY B 89 21.41 -29.18 12.92
C GLY B 89 20.47 -28.07 12.51
N PRO B 90 19.16 -28.34 12.56
CA PRO B 90 18.11 -27.44 12.07
C PRO B 90 17.97 -26.17 12.91
N VAL B 91 17.91 -25.02 12.25
CA VAL B 91 17.54 -23.75 12.91
C VAL B 91 16.28 -23.13 12.29
N ARG B 92 15.69 -22.17 12.99
CA ARG B 92 14.42 -21.55 12.57
C ARG B 92 14.59 -20.45 11.53
N LEU B 93 13.82 -20.53 10.45
CA LEU B 93 13.79 -19.45 9.46
C LEU B 93 12.43 -18.76 9.48
N ASP B 94 12.40 -17.53 9.98
CA ASP B 94 11.17 -16.77 10.05
C ASP B 94 10.88 -15.89 8.83
N ILE B 95 9.65 -15.94 8.34
CA ILE B 95 9.21 -15.10 7.24
C ILE B 95 7.96 -14.29 7.58
N SER B 96 8.10 -12.98 7.60
CA SER B 96 6.99 -12.10 7.86
C SER B 96 6.48 -11.53 6.56
N VAL B 97 5.18 -11.68 6.32
CA VAL B 97 4.58 -11.03 5.16
C VAL B 97 4.19 -9.60 5.49
N ILE B 98 4.59 -8.68 4.63
CA ILE B 98 4.41 -7.26 4.85
C ILE B 98 3.07 -6.78 4.31
N ASP B 99 2.34 -6.05 5.14
CA ASP B 99 1.06 -5.53 4.71
C ASP B 99 1.21 -4.68 3.45
N GLN B 100 0.27 -4.88 2.53
CA GLN B 100 0.06 -3.98 1.40
C GLN B 100 -1.35 -3.45 1.60
N ASN B 101 -1.67 -2.29 1.06
CA ASN B 101 -2.99 -1.73 1.30
C ASN B 101 -4.03 -2.20 0.30
N ASP B 102 -4.53 -3.41 0.48
CA ASP B 102 -5.43 -4.02 -0.51
C ASP B 102 -6.79 -4.36 0.05
N ASN B 103 -7.18 -3.65 1.10
CA ASN B 103 -8.52 -3.75 1.62
C ASN B 103 -9.14 -2.37 1.79
N ARG B 104 -10.40 -2.23 1.37
CA ARG B 104 -11.12 -0.97 1.50
C ARG B 104 -11.91 -0.92 2.82
N PRO B 105 -11.84 0.21 3.55
CA PRO B 105 -12.63 0.37 4.78
C PRO B 105 -14.12 0.17 4.53
N MET B 106 -14.75 -0.70 5.30
CA MET B 106 -16.19 -0.92 5.12
C MET B 106 -16.99 -1.05 6.41
N PHE B 107 -18.09 -0.30 6.49
CA PHE B 107 -19.04 -0.42 7.61
C PHE B 107 -19.86 -1.71 7.52
N LYS B 108 -20.08 -2.37 8.66
CA LYS B 108 -20.69 -3.70 8.64
C LYS B 108 -21.92 -3.90 9.57
N GLU B 109 -22.37 -2.82 10.21
CA GLU B 109 -23.53 -2.86 11.13
C GLU B 109 -24.82 -2.26 10.54
N GLY B 110 -24.71 -1.62 9.38
CA GLY B 110 -25.85 -0.93 8.78
C GLY B 110 -27.10 -1.76 8.68
N PRO B 111 -28.26 -1.09 8.57
CA PRO B 111 -28.33 0.37 8.47
C PRO B 111 -28.13 1.07 9.82
N TYR B 112 -27.65 2.30 9.75
CA TYR B 112 -27.27 3.04 10.94
C TYR B 112 -28.34 4.02 11.34
N VAL B 113 -28.93 3.81 12.52
CA VAL B 113 -29.94 4.75 13.04
C VAL B 113 -29.78 5.09 14.52
N GLY B 114 -29.60 6.38 14.79
CA GLY B 114 -29.50 6.88 16.15
C GLY B 114 -30.52 7.98 16.43
N HIS B 115 -30.85 8.15 17.70
CA HIS B 115 -31.81 9.17 18.12
C HIS B 115 -31.10 10.23 18.97
N VAL B 116 -31.66 11.43 19.03
CA VAL B 116 -31.15 12.48 19.92
C VAL B 116 -32.20 13.51 20.36
N MET B 117 -31.95 14.13 21.52
CA MET B 117 -32.93 15.01 22.15
C MET B 117 -33.00 16.38 21.49
N GLU B 118 -34.21 16.89 21.27
CA GLU B 118 -34.37 18.23 20.69
C GLU B 118 -34.09 19.32 21.73
N GLY B 119 -32.87 19.84 21.71
CA GLY B 119 -32.45 20.85 22.65
C GLY B 119 -31.24 20.43 23.46
N SER B 120 -30.48 19.48 22.94
CA SER B 120 -29.33 18.94 23.64
C SER B 120 -28.15 19.90 23.64
N PRO B 121 -27.34 19.85 24.71
CA PRO B 121 -26.11 20.64 24.84
C PRO B 121 -25.04 20.12 23.88
N THR B 122 -24.00 20.90 23.66
CA THR B 122 -22.90 20.48 22.79
C THR B 122 -22.28 19.16 23.26
N GLY B 123 -21.67 18.44 22.33
CA GLY B 123 -20.96 17.21 22.66
C GLY B 123 -21.80 16.06 23.18
N THR B 124 -23.06 15.99 22.78
CA THR B 124 -23.94 14.88 23.18
C THR B 124 -23.91 13.77 22.14
N THR B 125 -23.44 12.61 22.55
CA THR B 125 -23.19 11.54 21.59
C THR B 125 -24.48 11.01 21.01
N VAL B 126 -24.61 11.12 19.70
CA VAL B 126 -25.70 10.51 18.97
C VAL B 126 -25.53 9.00 18.95
N MET B 127 -24.42 8.55 18.36
CA MET B 127 -24.15 7.13 18.19
C MET B 127 -22.70 6.92 17.90
N ARG B 128 -22.29 5.66 17.81
CA ARG B 128 -20.94 5.31 17.38
C ARG B 128 -20.95 4.60 16.03
N MET B 129 -19.95 4.91 15.20
CA MET B 129 -19.82 4.30 13.89
C MET B 129 -18.37 3.95 13.59
N THR B 130 -18.00 2.71 13.89
CA THR B 130 -16.66 2.22 13.57
C THR B 130 -16.70 1.42 12.27
N ALA B 131 -15.69 1.58 11.43
CA ALA B 131 -15.60 0.82 10.19
C ALA B 131 -14.63 -0.35 10.37
N PHE B 132 -14.68 -1.31 9.46
CA PHE B 132 -13.75 -2.43 9.49
C PHE B 132 -12.70 -2.35 8.37
N ASP B 133 -11.54 -2.94 8.60
CA ASP B 133 -10.47 -2.96 7.60
C ASP B 133 -9.57 -4.19 7.75
N ALA B 134 -9.53 -5.01 6.70
CA ALA B 134 -8.84 -6.29 6.77
C ALA B 134 -7.31 -6.20 6.71
N ASP B 135 -6.77 -4.98 6.72
CA ASP B 135 -5.33 -4.78 6.65
C ASP B 135 -4.75 -4.71 8.05
N ASP B 136 -3.43 -4.60 8.13
CA ASP B 136 -2.66 -4.57 9.37
C ASP B 136 -2.95 -3.31 10.16
N PRO B 137 -3.52 -3.48 11.36
CA PRO B 137 -4.01 -2.39 12.22
C PRO B 137 -2.86 -1.59 12.82
N SER B 138 -1.66 -2.15 12.70
CA SER B 138 -0.48 -1.54 13.27
C SER B 138 0.26 -0.75 12.21
N THR B 139 -0.39 -0.60 11.06
CA THR B 139 0.18 0.15 9.94
C THR B 139 -0.80 1.22 9.53
N ASP B 140 -0.34 2.25 8.84
CA ASP B 140 -1.24 3.22 8.20
C ASP B 140 -2.30 2.53 7.33
N ASN B 141 -1.98 1.33 6.83
CA ASN B 141 -2.89 0.61 5.93
C ASN B 141 -4.24 0.19 6.53
N ALA B 142 -4.37 0.24 7.85
CA ALA B 142 -5.66 0.06 8.48
C ALA B 142 -6.05 1.41 9.04
N LEU B 143 -5.57 1.74 10.23
CA LEU B 143 -5.65 3.12 10.75
C LEU B 143 -6.69 4.04 10.08
N LEU B 144 -7.86 4.17 10.70
CA LEU B 144 -8.99 4.91 10.12
C LEU B 144 -9.19 6.34 10.65
N ARG B 145 -9.60 7.22 9.76
CA ARG B 145 -9.98 8.57 10.15
C ARG B 145 -11.36 8.92 9.58
N TYR B 146 -12.25 9.40 10.46
CA TYR B 146 -13.67 9.59 10.12
C TYR B 146 -14.04 11.02 9.80
N ASN B 147 -14.93 11.20 8.82
CA ASN B 147 -15.50 12.51 8.54
C ASN B 147 -16.97 12.46 8.16
N ILE B 148 -17.68 13.57 8.36
CA ILE B 148 -19.01 13.74 7.81
C ILE B 148 -18.89 14.48 6.50
N LEU B 149 -19.38 13.87 5.42
CA LEU B 149 -19.34 14.47 4.07
C LEU B 149 -20.60 15.29 3.72
N LYS B 150 -21.78 14.76 4.05
CA LYS B 150 -23.03 15.44 3.69
C LYS B 150 -24.07 15.47 4.82
N GLN B 151 -24.76 16.60 4.94
CA GLN B 151 -25.88 16.70 5.86
C GLN B 151 -27.16 17.13 5.13
N THR B 152 -28.24 16.40 5.39
CA THR B 152 -29.54 16.70 4.81
C THR B 152 -30.63 16.58 5.87
N PRO B 153 -31.43 17.63 6.07
CA PRO B 153 -31.33 18.88 5.30
C PRO B 153 -30.18 19.74 5.77
N THR B 154 -30.12 20.98 5.31
CA THR B 154 -29.07 21.89 5.72
C THR B 154 -29.66 23.05 6.51
N LYS B 155 -30.57 22.71 7.41
CA LYS B 155 -31.32 23.67 8.20
C LYS B 155 -31.58 23.02 9.55
N PRO B 156 -31.54 23.80 10.65
CA PRO B 156 -31.29 25.24 10.76
C PRO B 156 -29.92 25.60 10.24
N SER B 157 -28.93 24.76 10.58
CA SER B 157 -27.54 24.97 10.16
C SER B 157 -27.01 23.79 9.36
N PRO B 158 -26.13 24.09 8.40
CA PRO B 158 -25.50 23.15 7.45
C PRO B 158 -24.80 21.96 8.13
N ASN B 159 -24.02 22.22 9.17
CA ASN B 159 -23.46 21.12 9.97
C ASN B 159 -23.77 21.22 11.46
N MET B 160 -24.70 20.38 11.88
CA MET B 160 -25.20 20.35 13.25
C MET B 160 -24.37 19.37 14.05
N PHE B 161 -23.71 18.45 13.37
CA PHE B 161 -22.92 17.43 14.04
C PHE B 161 -21.46 17.47 13.64
N TYR B 162 -20.73 16.46 14.12
CA TYR B 162 -19.29 16.39 13.92
C TYR B 162 -18.88 15.03 14.43
N ILE B 163 -18.04 14.35 13.68
CA ILE B 163 -17.60 13.03 14.10
C ILE B 163 -16.16 13.07 14.62
N ASP B 164 -15.89 12.20 15.59
CA ASP B 164 -14.55 12.01 16.12
C ASP B 164 -13.69 11.34 15.05
N PRO B 165 -12.70 12.07 14.50
CA PRO B 165 -11.92 11.51 13.39
C PRO B 165 -11.28 10.21 13.82
N GLU B 166 -11.03 10.10 15.12
CA GLU B 166 -10.34 8.97 15.72
C GLU B 166 -11.26 7.85 16.18
N LYS B 167 -12.33 8.19 16.90
CA LYS B 167 -13.19 7.18 17.51
C LYS B 167 -14.44 6.88 16.69
N GLY B 168 -14.82 7.82 15.83
CA GLY B 168 -16.03 7.68 15.02
C GLY B 168 -17.31 7.95 15.80
N ASP B 169 -17.21 8.78 16.84
CA ASP B 169 -18.36 9.16 17.65
C ASP B 169 -19.02 10.39 17.06
N ILE B 170 -20.29 10.24 16.70
CA ILE B 170 -21.09 11.34 16.22
C ILE B 170 -21.64 12.11 17.41
N VAL B 171 -21.48 13.43 17.41
CA VAL B 171 -21.99 14.23 18.50
C VAL B 171 -22.64 15.51 18.00
N THR B 172 -23.43 16.10 18.88
CA THR B 172 -24.15 17.34 18.63
C THR B 172 -23.25 18.57 18.77
N VAL B 173 -23.37 19.51 17.83
CA VAL B 173 -22.61 20.74 17.96
C VAL B 173 -23.54 21.95 18.01
N VAL B 174 -24.85 21.72 17.97
CA VAL B 174 -25.78 22.84 17.89
C VAL B 174 -26.83 22.94 19.01
N SER B 175 -26.96 24.16 19.51
CA SER B 175 -27.79 24.54 20.66
C SER B 175 -29.25 24.03 20.61
N PRO B 176 -29.91 24.03 21.78
CA PRO B 176 -31.35 23.82 21.99
C PRO B 176 -32.28 24.74 21.16
N VAL B 177 -31.90 26.00 20.98
CA VAL B 177 -32.78 27.01 20.38
C VAL B 177 -33.00 26.83 18.87
N LEU B 178 -32.15 26.02 18.23
CA LEU B 178 -32.30 25.69 16.82
C LEU B 178 -32.44 24.17 16.64
N LEU B 179 -31.64 23.42 17.40
CA LEU B 179 -31.68 21.95 17.38
C LEU B 179 -33.00 21.44 17.97
N ASP B 180 -34.09 21.90 17.38
CA ASP B 180 -35.44 21.61 17.85
C ASP B 180 -36.27 21.22 16.65
N ARG B 181 -37.57 21.01 16.85
CA ARG B 181 -38.47 20.72 15.73
C ARG B 181 -39.60 21.75 15.59
N GLU B 182 -40.62 21.66 16.43
CA GLU B 182 -41.79 22.56 16.37
C GLU B 182 -42.34 22.71 14.95
N THR B 183 -41.70 23.58 14.16
CA THR B 183 -41.99 23.67 12.73
C THR B 183 -40.90 22.96 11.91
N MET B 184 -40.77 21.66 12.11
CA MET B 184 -39.89 20.83 11.29
C MET B 184 -40.70 19.99 10.31
N GLU B 185 -40.08 19.64 9.19
CA GLU B 185 -40.73 18.83 8.17
C GLU B 185 -40.52 17.34 8.48
N THR B 186 -39.32 16.84 8.20
CA THR B 186 -38.95 15.47 8.53
C THR B 186 -38.30 15.39 9.91
N PRO B 187 -38.79 14.47 10.76
CA PRO B 187 -38.23 14.30 12.11
C PRO B 187 -36.70 14.24 12.10
N LYS B 188 -36.11 13.80 11.00
CA LYS B 188 -34.73 13.30 11.02
C LYS B 188 -33.69 14.01 10.16
N TYR B 189 -32.44 13.58 10.32
CA TYR B 189 -31.31 14.05 9.53
C TYR B 189 -30.61 12.87 8.86
N GLU B 190 -29.99 13.15 7.72
CA GLU B 190 -29.26 12.13 6.94
C GLU B 190 -27.79 12.51 6.76
N LEU B 191 -26.91 11.78 7.46
CA LEU B 191 -25.47 12.05 7.40
C LEU B 191 -24.67 11.04 6.58
N VAL B 192 -23.86 11.52 5.65
CA VAL B 192 -22.99 10.63 4.89
C VAL B 192 -21.65 10.48 5.58
N ILE B 193 -21.41 9.30 6.16
CA ILE B 193 -20.17 9.09 6.89
C ILE B 193 -19.10 8.45 6.01
N GLU B 194 -17.92 9.07 5.99
CA GLU B 194 -16.74 8.46 5.36
C GLU B 194 -15.71 7.98 6.37
N ALA B 195 -15.24 6.75 6.20
CA ALA B 195 -14.04 6.29 6.89
C ALA B 195 -12.95 6.19 5.83
N LYS B 196 -11.80 6.83 6.09
CA LYS B 196 -10.68 6.84 5.14
C LYS B 196 -9.44 6.12 5.68
N ASP B 197 -8.51 5.81 4.78
CA ASP B 197 -7.29 5.08 5.13
C ASP B 197 -6.15 5.97 5.55
N MET B 198 -4.99 5.32 5.77
CA MET B 198 -3.76 5.99 6.18
C MET B 198 -4.04 7.19 7.08
N GLY B 199 -4.88 7.00 8.10
CA GLY B 199 -5.22 8.07 9.01
C GLY B 199 -5.28 9.43 8.35
N GLY B 200 -6.40 9.70 7.68
CA GLY B 200 -6.60 10.97 7.01
C GLY B 200 -5.87 10.99 5.69
N HIS B 201 -4.57 11.28 5.75
CA HIS B 201 -3.71 11.31 4.57
C HIS B 201 -4.48 11.46 3.27
N ASP B 202 -4.32 12.62 2.63
CA ASP B 202 -4.86 12.87 1.30
C ASP B 202 -5.19 11.59 0.52
N VAL B 203 -4.30 10.60 0.55
CA VAL B 203 -4.41 9.44 -0.32
C VAL B 203 -4.79 8.14 0.39
N GLY B 204 -5.95 8.11 1.04
CA GLY B 204 -6.43 6.88 1.64
C GLY B 204 -7.39 6.11 0.74
N LEU B 205 -7.89 4.99 1.24
CA LEU B 205 -9.04 4.31 0.64
C LEU B 205 -10.25 4.56 1.52
N THR B 206 -11.44 4.62 0.91
CA THR B 206 -12.63 5.03 1.64
C THR B 206 -13.78 4.02 1.68
N GLY B 207 -14.66 4.22 2.64
CA GLY B 207 -15.90 3.48 2.74
C GLY B 207 -16.93 4.47 3.26
N THR B 208 -18.17 4.36 2.80
CA THR B 208 -19.19 5.27 3.31
C THR B 208 -20.38 4.52 3.86
N ALA B 209 -21.32 5.29 4.42
CA ALA B 209 -22.50 4.76 5.07
C ALA B 209 -23.24 5.98 5.55
N THR B 210 -24.50 6.13 5.15
CA THR B 210 -25.30 7.27 5.58
C THR B 210 -26.04 6.93 6.87
N ALA B 211 -25.78 7.70 7.91
CA ALA B 211 -26.50 7.55 9.16
C ALA B 211 -27.81 8.34 9.14
N THR B 212 -28.85 7.72 9.71
CA THR B 212 -30.14 8.36 9.81
C THR B 212 -30.31 8.77 11.26
N ILE B 213 -30.50 10.07 11.49
CA ILE B 213 -30.59 10.58 12.84
C ILE B 213 -31.94 11.20 13.14
N LEU B 214 -32.62 10.66 14.16
CA LEU B 214 -33.96 11.08 14.52
C LEU B 214 -33.96 12.06 15.69
N ILE B 215 -34.56 13.24 15.51
CA ILE B 215 -34.69 14.18 16.61
C ILE B 215 -35.88 13.79 17.49
N ASP B 216 -35.66 13.76 18.81
CA ASP B 216 -36.68 13.31 19.74
C ASP B 216 -37.27 14.44 20.57
N ASP B 217 -38.41 14.17 21.20
CA ASP B 217 -39.12 15.17 21.99
C ASP B 217 -38.72 15.17 23.45
#